data_6MSY
#
_entry.id   6MSY
#
_cell.length_a   144.646
_cell.length_b   148.319
_cell.length_c   54.604
_cell.angle_alpha   90.00
_cell.angle_beta   90.00
_cell.angle_gamma   90.00
#
_symmetry.space_group_name_H-M   'C 2 2 2'
#
loop_
_entity.id
_entity.type
_entity.pdbx_description
1 polymer 'Fab 2G12, light chain'
2 polymer 'Fab 2g12, heavy chain'
3 branched alpha-D-mannopyranose-(1-2)-alpha-D-mannopyranose-(1-2)-alpha-D-mannopyranose-(1-3)-alpha-D-mannopyranose
4 non-polymer 'UNKNOWN ATOM OR ION'
5 non-polymer 'ACETATE ION'
6 water water
#
loop_
_entity_poly.entity_id
_entity_poly.type
_entity_poly.pdbx_seq_one_letter_code
_entity_poly.pdbx_strand_id
1 'polypeptide(L)'
;DVVMTQSPSTLSASVGDTITITCRASQSIETWLAWYQQKPGKAPKLLIYKASTLKTGVPSRFSGSGSGTEFTLTISGLQF
DDFATYHCQHYAGYSATFGQGTRVEIKRTVAAPSVFIFPPSDEQLKSGTASVVCLLNNFYPREAKVQWKVDNALQSGNSQ
ESVTEQDSKDSTYSLSSTLTLSKADYEKHKVYACEVTHQGLSSPVTKSFNRGE
;
L
2 'polypeptide(L)'
;EVQLVESGGGLVKAGGSLILSCGVSNFRISAHTMNWVRRVPGGGLEWVASISTSSTYRDYADAVKGRFTVSRDDLEDFVY
LQMHKMRVEDTAIYYCARKGSDRLSDNDPFDAWGPGTVVTVSPASTKGPSVFPLAPSSKSTSGGTAALGCLVKDYFPEPV
TVSWNSGALTSGVHTFPAVLQSSGLYSLSSVVTVPSSSLGTQTYICNVNHKPSNTKVDKKVEPKS
;
H
#
# COMPACT_ATOMS: atom_id res chain seq x y z
N ASP A 1 -11.43 -7.56 21.71
CA ASP A 1 -12.26 -6.53 21.16
C ASP A 1 -12.16 -5.15 21.92
N VAL A 2 -11.05 -4.83 22.64
CA VAL A 2 -10.85 -3.43 23.09
C VAL A 2 -10.70 -2.52 21.88
N VAL A 3 -11.43 -1.42 21.86
CA VAL A 3 -11.24 -0.42 20.80
C VAL A 3 -10.44 0.73 21.38
N MET A 4 -9.34 1.15 20.71
CA MET A 4 -8.48 2.24 21.21
C MET A 4 -8.72 3.47 20.37
N THR A 5 -8.99 4.59 21.02
CA THR A 5 -9.30 5.80 20.28
C THR A 5 -8.36 6.92 20.67
N GLN A 6 -7.56 7.37 19.71
CA GLN A 6 -6.53 8.37 19.90
C GLN A 6 -7.05 9.72 19.42
N SER A 7 -6.80 10.80 20.17
CA SER A 7 -7.07 12.14 19.64
C SER A 7 -6.06 13.21 20.08
N PRO A 8 -5.86 14.25 19.27
CA PRO A 8 -6.59 14.41 18.01
C PRO A 8 -5.88 13.65 16.94
N SER A 9 -6.42 13.64 15.73
CA SER A 9 -5.75 12.98 14.61
C SER A 9 -4.51 13.75 14.16
N THR A 10 -4.55 15.07 14.25
CA THR A 10 -3.47 15.95 13.78
C THR A 10 -3.38 17.06 14.81
N LEU A 11 -2.15 17.42 15.18
CA LEU A 11 -1.88 18.46 16.17
C LEU A 11 -0.83 19.39 15.55
N SER A 12 -1.10 20.70 15.52
CA SER A 12 -0.12 21.70 15.05
C SER A 12 0.40 22.42 16.26
N ALA A 13 1.73 22.59 16.35
CA ALA A 13 2.35 23.18 17.50
C ALA A 13 3.69 23.77 17.07
N SER A 14 4.33 24.50 17.99
CA SER A 14 5.63 25.16 17.76
C SER A 14 6.71 24.58 18.67
N VAL A 15 7.97 24.70 18.25
CA VAL A 15 9.07 24.43 19.16
C VAL A 15 8.82 25.21 20.44
N GLY A 16 9.02 24.56 21.61
CA GLY A 16 8.75 25.12 22.92
C GLY A 16 7.37 24.88 23.52
N ASP A 17 6.39 24.50 22.72
CA ASP A 17 5.04 24.27 23.28
C ASP A 17 5.01 23.08 24.26
N THR A 18 3.99 23.03 25.09
CA THR A 18 3.67 21.81 25.82
C THR A 18 2.42 21.24 25.16
N ILE A 19 2.48 19.97 24.73
CA ILE A 19 1.32 19.40 24.04
C ILE A 19 0.95 18.09 24.69
N THR A 20 -0.33 17.70 24.52
CA THR A 20 -0.82 16.43 25.05
C THR A 20 -1.68 15.69 24.01
N ILE A 21 -1.45 14.39 23.93
CA ILE A 21 -2.15 13.49 23.02
C ILE A 21 -2.88 12.51 23.91
N THR A 22 -4.14 12.23 23.59
CA THR A 22 -4.99 11.44 24.47
C THR A 22 -5.30 10.12 23.78
N CYS A 23 -5.37 9.05 24.58
CA CYS A 23 -5.81 7.75 24.08
C CYS A 23 -6.88 7.24 25.05
N ARG A 24 -8.01 6.76 24.52
CA ARG A 24 -9.11 6.23 25.35
C ARG A 24 -9.40 4.80 24.92
N ALA A 25 -9.50 3.90 25.90
CA ALA A 25 -9.83 2.49 25.64
C ALA A 25 -11.32 2.27 25.95
N SER A 26 -11.99 1.38 25.17
CA SER A 26 -13.41 1.05 25.39
C SER A 26 -13.65 0.29 26.69
N GLN A 27 -12.60 -0.25 27.33
CA GLN A 27 -12.78 -0.86 28.65
C GLN A 27 -11.47 -0.73 29.42
N SER A 28 -11.51 -0.98 30.73
CA SER A 28 -10.28 -0.78 31.50
C SER A 28 -9.19 -1.68 30.94
N ILE A 29 -7.98 -1.12 30.71
CA ILE A 29 -6.80 -1.90 30.36
C ILE A 29 -5.72 -1.77 31.43
N GLU A 30 -6.10 -1.44 32.66
CA GLU A 30 -5.15 -1.22 33.75
C GLU A 30 -4.12 -0.22 33.23
N THR A 31 -2.83 -0.55 33.24
CA THR A 31 -1.82 0.37 32.69
C THR A 31 -1.02 -0.26 31.53
N TRP A 32 -1.63 -1.23 30.83
CA TRP A 32 -0.97 -1.94 29.72
C TRP A 32 -1.03 -1.09 28.45
N LEU A 33 -0.21 -0.03 28.42
CA LEU A 33 -0.38 0.97 27.37
C LEU A 33 1.01 1.51 27.07
N ALA A 34 1.39 1.53 25.78
CA ALA A 34 2.69 1.97 25.31
C ALA A 34 2.49 3.07 24.30
N TRP A 35 3.49 3.97 24.24
CA TRP A 35 3.52 5.02 23.23
C TRP A 35 4.77 4.90 22.37
N TYR A 36 4.58 5.12 21.05
CA TYR A 36 5.65 4.98 20.07
C TYR A 36 5.78 6.28 19.27
N GLN A 37 7.01 6.57 18.86
CA GLN A 37 7.27 7.61 17.87
C GLN A 37 7.59 7.03 16.51
N GLN A 38 7.11 7.68 15.45
CA GLN A 38 7.52 7.20 14.14
C GLN A 38 7.71 8.35 13.16
N LYS A 39 8.88 8.38 12.48
CA LYS A 39 9.20 9.32 11.39
C LYS A 39 8.86 8.69 10.05
N PRO A 40 8.53 9.50 9.01
CA PRO A 40 8.13 8.90 7.73
C PRO A 40 9.21 7.99 7.16
N GLY A 41 8.83 6.81 6.72
CA GLY A 41 9.81 5.88 6.16
C GLY A 41 10.74 5.22 7.14
N LYS A 42 10.57 5.42 8.44
CA LYS A 42 11.43 4.80 9.45
C LYS A 42 10.61 3.82 10.30
N ALA A 43 11.31 2.99 11.11
CA ALA A 43 10.67 2.09 12.08
C ALA A 43 10.08 2.89 13.25
N PRO A 44 8.99 2.39 13.88
CA PRO A 44 8.55 2.99 15.15
C PRO A 44 9.59 2.80 16.22
N LYS A 45 9.57 3.69 17.20
CA LYS A 45 10.44 3.69 18.37
C LYS A 45 9.60 3.78 19.62
N LEU A 46 9.90 2.90 20.56
CA LEU A 46 9.19 2.84 21.82
C LEU A 46 9.62 4.01 22.70
N LEU A 47 8.68 4.74 23.28
CA LEU A 47 9.02 5.82 24.20
C LEU A 47 8.67 5.47 25.63
N ILE A 48 7.42 5.00 25.81
CA ILE A 48 6.84 4.88 27.14
C ILE A 48 6.04 3.58 27.15
N TYR A 49 6.15 2.84 28.24
CA TYR A 49 5.34 1.64 28.42
C TYR A 49 4.85 1.56 29.87
N LYS A 50 3.97 0.61 30.14
CA LYS A 50 3.30 0.53 31.44
C LYS A 50 2.64 1.88 31.78
N ALA A 51 2.13 2.56 30.75
CA ALA A 51 1.45 3.85 30.79
C ALA A 51 2.39 5.02 31.08
N SER A 52 3.39 4.82 31.94
CA SER A 52 4.21 5.95 32.38
C SER A 52 5.68 5.64 32.57
N THR A 53 6.11 4.42 32.23
CA THR A 53 7.55 4.08 32.37
C THR A 53 8.30 4.51 31.10
N LEU A 54 9.22 5.47 31.24
CA LEU A 54 10.01 5.99 30.10
C LEU A 54 11.09 4.96 29.72
N LYS A 55 11.17 4.59 28.43
CA LYS A 55 12.20 3.63 27.99
C LYS A 55 13.58 4.27 28.22
N THR A 56 14.55 3.51 28.73
CA THR A 56 15.87 4.08 28.97
C THR A 56 16.39 4.75 27.70
N GLY A 57 17.01 5.90 27.83
CA GLY A 57 17.49 6.57 26.65
C GLY A 57 16.54 7.62 26.07
N VAL A 58 15.24 7.53 26.38
CA VAL A 58 14.25 8.49 25.86
C VAL A 58 14.37 9.80 26.68
N PRO A 59 14.35 10.97 26.04
CA PRO A 59 14.49 12.22 26.80
C PRO A 59 13.34 12.47 27.76
N SER A 60 13.65 13.19 28.83
CA SER A 60 12.70 13.38 29.91
C SER A 60 11.56 14.35 29.58
N ARG A 61 11.61 15.09 28.46
CA ARG A 61 10.45 15.92 28.12
C ARG A 61 9.23 15.08 27.70
N PHE A 62 9.41 13.77 27.45
CA PHE A 62 8.28 12.87 27.19
C PHE A 62 7.74 12.30 28.50
N SER A 63 6.42 12.35 28.69
CA SER A 63 5.88 11.65 29.85
C SER A 63 4.51 11.07 29.52
N GLY A 64 4.09 10.08 30.28
CA GLY A 64 2.80 9.43 30.06
C GLY A 64 2.07 9.32 31.38
N SER A 65 0.73 9.39 31.31
CA SER A 65 -0.08 9.20 32.52
C SER A 65 -1.39 8.50 32.17
N GLY A 66 -2.06 8.03 33.22
CA GLY A 66 -3.38 7.42 33.04
C GLY A 66 -3.41 5.96 33.48
N SER A 67 -4.62 5.41 33.47
CA SER A 67 -4.86 4.06 33.99
C SER A 67 -6.32 3.80 33.78
N GLY A 68 -6.67 2.58 33.51
CA GLY A 68 -8.10 2.39 33.27
C GLY A 68 -8.46 2.56 31.79
N THR A 69 -9.24 3.57 31.50
CA THR A 69 -9.66 3.80 30.13
C THR A 69 -9.12 5.09 29.48
N GLU A 70 -8.38 5.94 30.21
CA GLU A 70 -7.96 7.27 29.75
C GLU A 70 -6.46 7.44 29.94
N PHE A 71 -5.75 7.74 28.85
CA PHE A 71 -4.28 7.87 28.90
C PHE A 71 -3.85 9.14 28.19
N THR A 72 -2.67 9.66 28.56
CA THR A 72 -2.20 10.91 27.98
C THR A 72 -0.70 10.83 27.72
N LEU A 73 -0.27 11.27 26.56
CA LEU A 73 1.16 11.45 26.32
C LEU A 73 1.41 12.97 26.28
N THR A 74 2.38 13.44 27.07
CA THR A 74 2.72 14.87 27.14
C THR A 74 4.14 15.09 26.65
N ILE A 75 4.33 16.06 25.76
CA ILE A 75 5.68 16.49 25.41
C ILE A 75 5.83 17.90 25.96
N SER A 76 6.71 18.08 26.95
CA SER A 76 6.83 19.33 27.71
C SER A 76 8.00 20.07 27.11
N GLY A 77 7.72 20.89 26.11
CA GLY A 77 8.78 21.64 25.42
C GLY A 77 9.17 20.97 24.11
N LEU A 78 8.32 21.05 23.09
CA LEU A 78 8.62 20.35 21.84
C LEU A 78 9.97 20.80 21.28
N GLN A 79 10.76 19.85 20.78
CA GLN A 79 11.96 20.22 19.99
C GLN A 79 11.73 19.87 18.52
N PHE A 80 12.66 20.32 17.67
CA PHE A 80 12.42 20.12 16.23
C PHE A 80 12.38 18.65 15.84
N ASP A 81 13.11 17.80 16.53
CA ASP A 81 13.08 16.38 16.15
C ASP A 81 11.87 15.65 16.67
N ASP A 82 10.93 16.34 17.33
CA ASP A 82 9.73 15.69 17.86
C ASP A 82 8.55 15.76 16.91
N PHE A 83 8.70 16.40 15.74
CA PHE A 83 7.58 16.44 14.78
C PHE A 83 7.54 15.10 14.04
N ALA A 84 6.45 14.39 14.23
CA ALA A 84 6.42 12.98 13.86
C ALA A 84 4.98 12.49 14.11
N THR A 85 4.76 11.20 13.84
CA THR A 85 3.45 10.58 14.17
C THR A 85 3.64 9.80 15.47
N TYR A 86 2.69 9.92 16.40
CA TYR A 86 2.76 9.20 17.69
C TYR A 86 1.60 8.19 17.75
N HIS A 87 1.91 6.96 18.15
CA HIS A 87 0.86 5.90 18.22
C HIS A 87 0.74 5.32 19.63
N CYS A 88 -0.49 5.18 20.13
CA CYS A 88 -0.68 4.45 21.38
C CYS A 88 -0.97 2.97 21.03
N GLN A 89 -0.79 2.10 22.01
CA GLN A 89 -0.90 0.66 21.77
C GLN A 89 -1.31 0.03 23.09
N HIS A 90 -2.42 -0.67 23.08
CA HIS A 90 -2.70 -1.56 24.19
C HIS A 90 -2.01 -2.89 23.88
N TYR A 91 -1.13 -3.36 24.75
CA TYR A 91 -0.51 -4.66 24.49
C TYR A 91 -0.98 -5.67 25.53
N ALA A 92 -1.17 -6.92 25.05
CA ALA A 92 -1.56 -8.11 25.81
C ALA A 92 -0.49 -9.20 25.58
N GLY A 93 -0.58 -10.33 26.28
CA GLY A 93 0.52 -11.28 26.18
C GLY A 93 0.71 -11.81 24.76
N TYR A 94 -0.39 -11.95 24.00
CA TYR A 94 -0.35 -12.56 22.65
C TYR A 94 -1.10 -11.78 21.59
N SER A 95 -1.32 -10.47 21.81
CA SER A 95 -1.81 -9.63 20.74
C SER A 95 -1.70 -8.17 21.20
N ALA A 96 -2.15 -7.28 20.35
CA ALA A 96 -1.99 -5.85 20.64
C ALA A 96 -2.98 -5.11 19.78
N THR A 97 -3.32 -3.89 20.17
CA THR A 97 -4.20 -3.08 19.35
C THR A 97 -3.76 -1.60 19.49
N PHE A 98 -3.65 -0.95 18.35
CA PHE A 98 -3.07 0.39 18.23
C PHE A 98 -4.18 1.39 18.01
N GLY A 99 -4.02 2.60 18.55
CA GLY A 99 -4.86 3.70 18.17
C GLY A 99 -4.54 4.14 16.75
N GLN A 100 -5.27 5.15 16.27
CA GLN A 100 -5.18 5.54 14.85
C GLN A 100 -3.97 6.45 14.55
N GLY A 101 -3.17 6.80 15.54
CA GLY A 101 -2.01 7.67 15.24
C GLY A 101 -2.33 9.16 15.32
N THR A 102 -1.41 10.01 15.81
CA THR A 102 -1.54 11.48 15.82
C THR A 102 -0.33 12.08 15.09
N ARG A 103 -0.57 12.81 14.02
CA ARG A 103 0.53 13.41 13.29
C ARG A 103 0.81 14.79 13.92
N VAL A 104 2.01 15.01 14.45
CA VAL A 104 2.35 16.31 15.07
C VAL A 104 3.12 17.12 14.03
N GLU A 105 2.57 18.28 13.63
CA GLU A 105 3.16 19.09 12.57
C GLU A 105 3.42 20.54 13.06
N ILE A 106 4.28 21.23 12.32
CA ILE A 106 4.68 22.60 12.71
C ILE A 106 3.57 23.58 12.36
N LYS A 107 3.09 24.33 13.35
CA LYS A 107 1.99 25.24 13.12
C LYS A 107 2.46 26.45 12.31
N ARG A 108 1.65 26.91 11.37
CA ARG A 108 1.92 28.16 10.65
C ARG A 108 0.57 28.72 10.26
N THR A 109 0.55 29.87 9.58
CA THR A 109 -0.71 30.40 9.04
C THR A 109 -1.20 29.56 7.87
N VAL A 110 -2.51 29.60 7.64
CA VAL A 110 -3.11 28.94 6.47
C VAL A 110 -2.59 29.54 5.19
N ALA A 111 -2.26 28.68 4.23
CA ALA A 111 -1.80 29.10 2.91
C ALA A 111 -2.54 28.26 1.87
N ALA A 112 -3.27 28.94 0.99
CA ALA A 112 -3.93 28.24 -0.11
C ALA A 112 -2.92 27.77 -1.14
N PRO A 113 -3.15 26.63 -1.78
CA PRO A 113 -2.28 26.17 -2.86
C PRO A 113 -2.40 27.06 -4.09
N SER A 114 -1.29 27.19 -4.83
CA SER A 114 -1.36 27.58 -6.23
C SER A 114 -1.46 26.29 -7.03
N VAL A 115 -2.33 26.25 -8.04
CA VAL A 115 -2.67 25.02 -8.76
C VAL A 115 -2.22 25.11 -10.21
N PHE A 116 -1.53 24.07 -10.70
CA PHE A 116 -1.11 23.99 -12.09
C PHE A 116 -1.47 22.64 -12.69
N ILE A 117 -1.95 22.63 -13.93
CA ILE A 117 -2.19 21.38 -14.67
C ILE A 117 -1.24 21.34 -15.86
N PHE A 118 -0.66 20.14 -16.13
CA PHE A 118 0.28 19.91 -17.26
C PHE A 118 -0.21 18.76 -18.12
N PRO A 119 -0.26 18.92 -19.44
CA PRO A 119 -0.65 17.79 -20.33
C PRO A 119 0.53 16.89 -20.59
N PRO A 120 0.28 15.66 -21.08
CA PRO A 120 1.41 14.78 -21.41
C PRO A 120 2.20 15.36 -22.58
N SER A 121 3.49 15.04 -22.60
CA SER A 121 4.32 15.52 -23.70
C SER A 121 4.00 14.73 -24.97
N ASP A 122 4.33 15.35 -26.12
CA ASP A 122 4.19 14.67 -27.40
C ASP A 122 5.11 13.44 -27.46
N GLU A 123 6.33 13.56 -26.94
CA GLU A 123 7.27 12.44 -26.91
C GLU A 123 6.65 11.23 -26.21
N GLN A 124 6.06 11.46 -25.03
CA GLN A 124 5.49 10.35 -24.28
C GLN A 124 4.27 9.80 -25.00
N LEU A 125 3.39 10.71 -25.47
CA LEU A 125 2.16 10.30 -26.13
C LEU A 125 2.44 9.33 -27.27
N LYS A 126 3.48 9.62 -28.05
CA LYS A 126 3.89 8.78 -29.17
C LYS A 126 4.13 7.33 -28.76
N SER A 127 4.78 7.12 -27.61
CA SER A 127 5.14 5.77 -27.15
C SER A 127 3.98 5.03 -26.49
N GLY A 128 2.77 5.58 -26.51
CA GLY A 128 1.57 4.83 -26.21
C GLY A 128 0.86 5.16 -24.90
N THR A 129 1.33 6.16 -24.15
CA THR A 129 0.79 6.44 -22.82
C THR A 129 0.77 7.94 -22.58
N ALA A 130 -0.29 8.43 -21.93
CA ALA A 130 -0.47 9.82 -21.56
C ALA A 130 -0.45 9.94 -20.03
N SER A 131 0.45 10.79 -19.51
CA SER A 131 0.49 11.17 -18.10
C SER A 131 0.12 12.65 -18.01
N VAL A 132 -0.92 12.97 -17.23
CA VAL A 132 -1.38 14.33 -16.97
C VAL A 132 -1.02 14.65 -15.52
N VAL A 133 -0.36 15.79 -15.27
CA VAL A 133 0.07 16.10 -13.91
C VAL A 133 -0.65 17.35 -13.40
N CYS A 134 -1.02 17.32 -12.12
CA CYS A 134 -1.57 18.46 -11.39
C CYS A 134 -0.65 18.76 -10.22
N LEU A 135 -0.24 20.02 -10.09
CA LEU A 135 0.63 20.49 -9.02
C LEU A 135 -0.14 21.40 -8.09
N LEU A 136 -0.06 21.09 -6.79
CA LEU A 136 -0.54 21.96 -5.71
C LEU A 136 0.70 22.45 -4.95
N ASN A 137 0.99 23.74 -5.06
CA ASN A 137 2.26 24.29 -4.58
C ASN A 137 2.11 25.08 -3.28
N ASN A 138 2.91 24.72 -2.27
CA ASN A 138 3.09 25.50 -1.03
C ASN A 138 1.80 25.84 -0.29
N PHE A 139 1.12 24.82 0.23
CA PHE A 139 -0.12 25.06 0.95
C PHE A 139 0.01 24.59 2.39
N TYR A 140 -0.93 25.01 3.22
CA TYR A 140 -0.96 24.62 4.62
C TYR A 140 -2.36 24.91 5.12
N PRO A 141 -3.01 24.02 5.90
CA PRO A 141 -2.46 22.71 6.25
C PRO A 141 -2.41 21.69 5.09
N ARG A 142 -1.95 20.48 5.39
CA ARG A 142 -1.72 19.40 4.38
C ARG A 142 -3.03 18.85 3.80
N GLU A 143 -4.10 18.79 4.59
CA GLU A 143 -5.39 18.22 4.11
C GLU A 143 -5.86 18.91 2.83
N ALA A 144 -5.76 18.23 1.69
CA ALA A 144 -6.21 18.79 0.43
C ALA A 144 -6.93 17.67 -0.31
N LYS A 145 -7.87 18.06 -1.16
CA LYS A 145 -8.63 17.12 -1.96
C LYS A 145 -8.42 17.48 -3.41
N VAL A 146 -7.94 16.53 -4.20
CA VAL A 146 -7.72 16.70 -5.62
C VAL A 146 -8.58 15.68 -6.36
N GLN A 147 -9.52 16.16 -7.18
CA GLN A 147 -10.34 15.30 -8.04
C GLN A 147 -10.05 15.56 -9.50
N TRP A 148 -9.94 14.49 -10.26
CA TRP A 148 -9.69 14.55 -11.69
C TRP A 148 -11.03 14.41 -12.38
N LYS A 149 -11.31 15.32 -13.32
CA LYS A 149 -12.56 15.29 -14.09
C LYS A 149 -12.22 15.25 -15.57
N VAL A 150 -12.78 14.26 -16.27
CA VAL A 150 -12.55 14.09 -17.71
C VAL A 150 -13.92 14.20 -18.37
N ASP A 151 -14.10 15.24 -19.19
CA ASP A 151 -15.42 15.62 -19.75
C ASP A 151 -16.49 15.65 -18.67
N ASN A 152 -16.11 16.13 -17.50
CA ASN A 152 -16.98 16.36 -16.34
C ASN A 152 -17.26 15.08 -15.55
N ALA A 153 -16.62 13.96 -15.88
CA ALA A 153 -16.83 12.74 -15.11
C ALA A 153 -15.66 12.48 -14.16
N LEU A 154 -15.95 12.34 -12.85
CA LEU A 154 -14.92 12.06 -11.84
C LEU A 154 -14.14 10.77 -12.15
N GLN A 155 -12.81 10.87 -12.14
CA GLN A 155 -11.94 9.72 -12.31
C GLN A 155 -11.66 9.05 -10.97
N SER A 156 -11.52 7.73 -10.99
CA SER A 156 -11.14 7.05 -9.78
C SER A 156 -10.40 5.78 -10.17
N GLY A 157 -9.29 5.53 -9.49
CA GLY A 157 -8.49 4.36 -9.71
C GLY A 157 -7.35 4.54 -10.69
N ASN A 158 -7.29 5.66 -11.39
CA ASN A 158 -6.25 5.82 -12.41
C ASN A 158 -5.32 7.00 -12.10
N SER A 159 -5.14 7.35 -10.83
CA SER A 159 -4.26 8.46 -10.46
C SER A 159 -3.56 8.15 -9.15
N GLN A 160 -2.39 8.76 -8.97
CA GLN A 160 -1.60 8.56 -7.76
C GLN A 160 -1.14 9.94 -7.30
N GLU A 161 -1.10 10.14 -5.99
CA GLU A 161 -0.64 11.39 -5.37
C GLU A 161 0.68 11.17 -4.67
N SER A 162 1.43 12.25 -4.54
CA SER A 162 2.69 12.26 -3.81
C SER A 162 2.78 13.63 -3.10
N VAL A 163 3.01 13.64 -1.78
CA VAL A 163 3.10 14.86 -0.97
C VAL A 163 4.49 14.97 -0.37
N THR A 164 5.05 16.19 -0.39
CA THR A 164 6.34 16.44 0.25
C THR A 164 6.20 16.47 1.77
N GLU A 165 7.35 16.44 2.43
CA GLU A 165 7.41 16.82 3.83
C GLU A 165 7.33 18.34 3.99
N GLN A 166 7.01 18.77 5.21
CA GLN A 166 6.92 20.20 5.50
C GLN A 166 8.21 20.91 5.09
N ASP A 167 8.08 21.96 4.27
CA ASP A 167 9.22 22.59 3.58
C ASP A 167 10.18 23.20 4.59
N SER A 168 11.50 23.08 4.31
CA SER A 168 12.51 23.61 5.23
C SER A 168 12.40 25.12 5.36
N LYS A 169 11.93 25.81 4.31
CA LYS A 169 11.98 27.27 4.24
C LYS A 169 10.72 27.93 4.78
N ASP A 170 9.53 27.34 4.55
CA ASP A 170 8.26 28.01 4.80
C ASP A 170 7.20 27.10 5.47
N SER A 171 7.56 25.89 5.86
CA SER A 171 6.70 24.97 6.61
C SER A 171 5.38 24.66 5.87
N THR A 172 5.36 24.79 4.55
CA THR A 172 4.20 24.43 3.73
C THR A 172 4.41 23.01 3.17
N TYR A 173 3.41 22.55 2.45
CA TYR A 173 3.44 21.24 1.77
C TYR A 173 3.34 21.46 0.28
N SER A 174 3.87 20.54 -0.52
CA SER A 174 3.44 20.58 -1.91
C SER A 174 2.98 19.18 -2.29
N LEU A 175 2.23 19.11 -3.37
CA LEU A 175 1.58 17.84 -3.74
C LEU A 175 1.50 17.73 -5.26
N SER A 176 1.87 16.57 -5.80
CA SER A 176 1.61 16.22 -7.20
C SER A 176 0.66 15.04 -7.29
N SER A 177 -0.26 15.13 -8.25
CA SER A 177 -1.21 14.07 -8.61
C SER A 177 -1.09 13.83 -10.10
N THR A 178 -0.93 12.55 -10.48
CA THR A 178 -0.69 12.17 -11.86
C THR A 178 -1.79 11.20 -12.29
N LEU A 179 -2.59 11.61 -13.28
CA LEU A 179 -3.59 10.77 -13.93
C LEU A 179 -2.95 10.09 -15.14
N THR A 180 -2.96 8.75 -15.16
CA THR A 180 -2.22 7.98 -16.18
C THR A 180 -3.21 7.19 -17.02
N LEU A 181 -3.09 7.32 -18.36
CA LEU A 181 -4.00 6.70 -19.35
C LEU A 181 -3.20 6.15 -20.53
N SER A 182 -3.84 5.29 -21.30
CA SER A 182 -3.28 4.89 -22.60
C SER A 182 -3.51 5.98 -23.64
N LYS A 183 -2.61 6.02 -24.63
CA LYS A 183 -2.81 6.73 -25.90
C LYS A 183 -4.28 6.74 -26.25
N ALA A 184 -4.81 5.55 -26.52
CA ALA A 184 -6.18 5.41 -26.98
C ALA A 184 -7.15 6.13 -26.05
N ASP A 185 -7.19 5.70 -24.78
CA ASP A 185 -8.12 6.28 -23.80
C ASP A 185 -8.00 7.80 -23.75
N TYR A 186 -6.76 8.29 -23.67
CA TYR A 186 -6.52 9.73 -23.74
C TYR A 186 -7.27 10.36 -24.91
N GLU A 187 -7.09 9.80 -26.12
CA GLU A 187 -7.63 10.37 -27.36
C GLU A 187 -9.15 10.50 -27.36
N LYS A 188 -9.88 9.68 -26.57
CA LYS A 188 -11.34 9.65 -26.60
C LYS A 188 -12.03 10.88 -26.00
N HIS A 189 -11.34 11.70 -25.19
CA HIS A 189 -12.04 12.80 -24.55
C HIS A 189 -11.31 14.10 -24.77
N LYS A 190 -12.00 15.20 -24.46
CA LYS A 190 -11.54 16.54 -24.79
C LYS A 190 -10.97 17.30 -23.58
N VAL A 191 -11.80 17.56 -22.56
CA VAL A 191 -11.47 18.45 -21.45
C VAL A 191 -10.95 17.62 -20.27
N TYR A 192 -9.73 17.95 -19.81
CA TYR A 192 -9.07 17.32 -18.68
C TYR A 192 -8.91 18.35 -17.56
N ALA A 193 -9.59 18.12 -16.42
CA ALA A 193 -9.58 19.10 -15.34
C ALA A 193 -9.15 18.46 -14.02
N CYS A 194 -8.46 19.27 -13.23
CA CYS A 194 -8.07 18.94 -11.87
C CYS A 194 -8.81 19.91 -10.98
N GLU A 195 -9.59 19.42 -10.03
CA GLU A 195 -10.33 20.30 -9.12
C GLU A 195 -9.83 20.12 -7.69
N VAL A 196 -9.48 21.23 -7.01
CA VAL A 196 -8.78 21.22 -5.71
C VAL A 196 -9.64 21.88 -4.63
N THR A 197 -9.81 21.20 -3.50
CA THR A 197 -10.47 21.73 -2.32
C THR A 197 -9.43 21.90 -1.20
N HIS A 198 -9.42 23.07 -0.56
CA HIS A 198 -8.49 23.31 0.56
C HIS A 198 -9.09 24.36 1.46
N GLN A 199 -8.83 24.21 2.76
CA GLN A 199 -9.28 25.18 3.76
C GLN A 199 -9.00 26.64 3.37
N GLY A 200 -7.91 26.92 2.66
CA GLY A 200 -7.63 28.31 2.36
C GLY A 200 -8.22 28.84 1.06
N LEU A 201 -8.96 28.01 0.36
CA LEU A 201 -9.68 28.41 -0.84
C LEU A 201 -11.13 28.67 -0.45
N SER A 202 -11.63 29.85 -0.85
CA SER A 202 -13.02 30.22 -0.58
C SER A 202 -13.98 29.19 -1.15
N SER A 203 -13.70 28.76 -2.37
CA SER A 203 -14.40 27.67 -3.03
C SER A 203 -13.37 26.84 -3.79
N PRO A 204 -13.74 25.62 -4.18
CA PRO A 204 -12.82 24.78 -4.99
C PRO A 204 -12.30 25.49 -6.22
N VAL A 205 -11.06 25.17 -6.57
CA VAL A 205 -10.37 25.76 -7.72
C VAL A 205 -10.22 24.67 -8.77
N THR A 206 -10.57 24.99 -10.02
CA THR A 206 -10.38 24.07 -11.11
C THR A 206 -9.41 24.67 -12.12
N LYS A 207 -8.45 23.86 -12.57
CA LYS A 207 -7.56 24.15 -13.69
C LYS A 207 -7.74 23.05 -14.74
N SER A 208 -7.85 23.43 -16.01
CA SER A 208 -8.05 22.42 -17.06
C SER A 208 -7.43 22.86 -18.38
N PHE A 209 -7.48 21.94 -19.35
CA PHE A 209 -6.96 22.14 -20.69
C PHE A 209 -7.77 21.28 -21.66
N ASN A 210 -7.55 21.49 -22.97
CA ASN A 210 -8.36 20.77 -23.98
C ASN A 210 -7.64 19.66 -24.72
N GLU B 1 24.83 -3.80 17.93
CA GLU B 1 23.51 -3.18 17.96
C GLU B 1 22.49 -4.21 17.46
N VAL B 2 21.29 -4.21 18.04
CA VAL B 2 20.29 -5.25 17.73
C VAL B 2 19.52 -4.86 16.46
N GLN B 3 19.36 -5.80 15.52
CA GLN B 3 18.69 -5.47 14.27
C GLN B 3 17.73 -6.59 13.86
N LEU B 4 16.70 -6.21 13.11
CA LEU B 4 15.71 -7.05 12.48
C LEU B 4 15.69 -6.62 11.02
N VAL B 5 15.57 -7.57 10.10
CA VAL B 5 15.46 -7.12 8.72
C VAL B 5 14.43 -7.99 8.02
N GLU B 6 13.39 -7.37 7.46
CA GLU B 6 12.35 -8.08 6.73
C GLU B 6 12.79 -8.33 5.28
N SER B 7 12.34 -9.43 4.69
CA SER B 7 12.54 -9.52 3.25
C SER B 7 11.33 -10.19 2.60
N GLY B 8 11.28 -10.11 1.27
CA GLY B 8 10.20 -10.73 0.52
C GLY B 8 9.07 -9.82 0.07
N GLY B 9 9.10 -8.55 0.37
CA GLY B 9 8.01 -7.71 -0.10
C GLY B 9 8.03 -7.55 -1.63
N GLY B 10 7.03 -6.82 -2.13
CA GLY B 10 6.88 -6.59 -3.56
C GLY B 10 5.42 -6.32 -3.90
N LEU B 11 5.14 -6.39 -5.22
CA LEU B 11 3.79 -6.20 -5.77
C LEU B 11 3.07 -7.51 -5.86
N VAL B 12 1.79 -7.47 -5.57
CA VAL B 12 0.93 -8.64 -5.72
C VAL B 12 -0.36 -8.19 -6.37
N LYS B 13 -0.97 -9.09 -7.10
CA LYS B 13 -2.32 -8.80 -7.57
C LYS B 13 -3.32 -9.38 -6.57
N ALA B 14 -4.46 -8.72 -6.40
CA ALA B 14 -5.47 -9.19 -5.47
C ALA B 14 -5.79 -10.66 -5.74
N GLY B 15 -5.98 -11.44 -4.69
CA GLY B 15 -6.07 -12.88 -4.82
C GLY B 15 -4.76 -13.65 -4.75
N GLY B 16 -3.59 -13.01 -4.90
CA GLY B 16 -2.34 -13.73 -5.00
C GLY B 16 -1.79 -14.06 -3.63
N SER B 17 -0.58 -14.65 -3.60
CA SER B 17 0.12 -15.03 -2.36
C SER B 17 1.46 -14.34 -2.26
N LEU B 18 1.93 -14.10 -1.03
CA LEU B 18 3.29 -13.58 -0.89
C LEU B 18 3.78 -14.00 0.49
N ILE B 19 5.06 -14.37 0.59
CA ILE B 19 5.61 -14.78 1.86
C ILE B 19 6.67 -13.79 2.27
N LEU B 20 6.65 -13.38 3.56
CA LEU B 20 7.70 -12.53 4.12
C LEU B 20 8.54 -13.30 5.12
N SER B 21 9.80 -12.84 5.31
CA SER B 21 10.64 -13.43 6.36
C SER B 21 11.32 -12.30 7.07
N CYS B 22 11.78 -12.61 8.26
CA CYS B 22 12.46 -11.66 9.13
C CYS B 22 13.66 -12.38 9.70
N GLY B 23 14.87 -11.85 9.51
CA GLY B 23 16.05 -12.35 10.19
C GLY B 23 16.61 -11.27 11.14
N VAL B 24 17.56 -11.65 11.98
CA VAL B 24 17.93 -10.78 13.09
C VAL B 24 19.44 -10.78 13.16
N SER B 25 19.99 -9.79 13.87
CA SER B 25 21.40 -9.73 14.21
C SER B 25 21.54 -9.39 15.69
N ASN B 26 22.50 -10.04 16.35
CA ASN B 26 22.95 -9.65 17.69
C ASN B 26 21.99 -10.01 18.83
N PHE B 27 20.91 -10.75 18.60
CA PHE B 27 20.23 -11.39 19.70
C PHE B 27 19.65 -12.69 19.15
N ARG B 28 19.15 -13.52 20.04
CA ARG B 28 18.50 -14.79 19.72
C ARG B 28 16.99 -14.62 19.91
N ILE B 29 16.15 -15.14 18.99
CA ILE B 29 14.70 -14.93 19.16
C ILE B 29 14.05 -15.85 20.17
N SER B 30 14.71 -16.90 20.63
CA SER B 30 13.94 -17.98 21.30
C SER B 30 13.18 -17.50 22.55
N ALA B 31 13.71 -16.52 23.31
CA ALA B 31 12.98 -16.08 24.53
C ALA B 31 11.89 -15.02 24.26
N HIS B 32 11.66 -14.68 22.99
CA HIS B 32 10.78 -13.58 22.63
C HIS B 32 9.57 -14.01 21.84
N THR B 33 8.39 -13.51 22.25
CA THR B 33 7.27 -13.44 21.31
C THR B 33 7.62 -12.48 20.17
N MET B 34 7.34 -12.91 18.91
CA MET B 34 7.65 -12.06 17.76
C MET B 34 6.36 -11.69 17.06
N ASN B 35 6.32 -10.53 16.42
CA ASN B 35 5.07 -10.03 15.88
C ASN B 35 5.31 -9.45 14.50
N TRP B 36 4.23 -9.33 13.76
CA TRP B 36 4.17 -8.58 12.50
C TRP B 36 3.18 -7.43 12.69
N VAL B 37 3.56 -6.25 12.27
CA VAL B 37 2.73 -5.06 12.37
C VAL B 37 2.79 -4.40 11.00
N ARG B 38 1.74 -3.74 10.59
CA ARG B 38 1.81 -3.09 9.29
C ARG B 38 1.38 -1.64 9.39
N ARG B 39 1.96 -0.79 8.54
CA ARG B 39 1.55 0.63 8.54
C ARG B 39 0.79 0.91 7.26
N VAL B 40 -0.46 1.33 7.40
CA VAL B 40 -1.28 1.41 6.19
C VAL B 40 -1.10 2.79 5.58
N PRO B 41 -1.54 3.03 4.34
CA PRO B 41 -1.27 4.35 3.71
C PRO B 41 -1.79 5.56 4.49
N GLY B 42 -2.94 5.46 5.16
CA GLY B 42 -3.45 6.50 6.07
C GLY B 42 -2.51 6.89 7.22
N GLY B 43 -1.48 6.10 7.49
CA GLY B 43 -0.50 6.46 8.52
C GLY B 43 -0.56 5.66 9.79
N GLY B 44 -1.73 4.98 10.11
CA GLY B 44 -1.84 4.29 11.39
C GLY B 44 -1.23 2.87 11.36
N LEU B 45 -0.92 2.33 12.53
CA LEU B 45 -0.36 1.00 12.65
C LEU B 45 -1.49 0.00 12.93
N GLU B 46 -1.35 -1.20 12.38
CA GLU B 46 -2.32 -2.27 12.64
C GLU B 46 -1.57 -3.50 13.05
N TRP B 47 -1.90 -4.05 14.19
CA TRP B 47 -1.23 -5.29 14.59
C TRP B 47 -1.75 -6.43 13.67
N VAL B 48 -0.84 -7.31 13.19
CA VAL B 48 -1.18 -8.35 12.19
C VAL B 48 -1.09 -9.75 12.81
N ALA B 49 0.04 -10.09 13.44
CA ALA B 49 0.03 -11.46 13.98
C ALA B 49 1.07 -11.56 15.04
N SER B 50 0.89 -12.54 15.92
CA SER B 50 1.87 -12.79 16.95
C SER B 50 2.15 -14.27 17.08
N ILE B 51 3.40 -14.59 17.39
CA ILE B 51 3.74 -15.99 17.63
C ILE B 51 4.60 -16.07 18.89
N SER B 52 4.08 -16.76 19.92
CA SER B 52 4.73 -16.79 21.23
C SER B 52 5.99 -17.65 21.17
N THR B 53 6.75 -17.68 22.26
CA THR B 53 7.88 -18.62 22.35
C THR B 53 7.37 -20.06 22.19
N SER B 54 8.25 -20.93 21.64
CA SER B 54 7.98 -22.32 21.29
C SER B 54 6.81 -22.46 20.36
N SER B 55 6.32 -21.37 19.74
CA SER B 55 5.15 -21.42 18.86
C SER B 55 3.84 -21.88 19.58
N THR B 56 3.74 -21.71 20.90
CA THR B 56 2.58 -22.27 21.61
C THR B 56 1.28 -21.61 21.19
N TYR B 57 1.28 -20.28 20.98
CA TYR B 57 0.08 -19.54 20.62
C TYR B 57 0.39 -18.72 19.38
N ARG B 58 -0.52 -18.79 18.41
CA ARG B 58 -0.42 -18.01 17.15
C ARG B 58 -1.70 -17.17 17.08
N ASP B 59 -1.57 -15.86 17.17
CA ASP B 59 -2.77 -14.98 17.15
C ASP B 59 -2.71 -14.06 15.93
N TYR B 60 -3.88 -13.80 15.33
CA TYR B 60 -3.93 -12.95 14.12
C TYR B 60 -5.08 -11.94 14.24
N ALA B 61 -4.89 -10.78 13.63
CA ALA B 61 -5.96 -9.79 13.55
C ALA B 61 -7.18 -10.36 12.80
N ASP B 62 -8.36 -9.91 13.21
CA ASP B 62 -9.60 -10.47 12.63
C ASP B 62 -9.59 -10.35 11.13
N ALA B 63 -9.05 -9.23 10.59
CA ALA B 63 -9.02 -9.00 9.14
C ALA B 63 -8.16 -9.99 8.35
N VAL B 64 -7.23 -10.75 8.97
CA VAL B 64 -6.34 -11.65 8.23
C VAL B 64 -6.51 -13.12 8.65
N LYS B 65 -7.39 -13.41 9.60
CA LYS B 65 -7.65 -14.80 9.99
C LYS B 65 -8.00 -15.63 8.77
N GLY B 66 -7.47 -16.85 8.72
CA GLY B 66 -7.78 -17.74 7.60
C GLY B 66 -7.06 -17.37 6.34
N ARG B 67 -6.25 -16.29 6.34
CA ARG B 67 -5.51 -15.93 5.13
C ARG B 67 -4.02 -15.83 5.36
N PHE B 68 -3.61 -15.49 6.58
CA PHE B 68 -2.20 -15.33 6.96
C PHE B 68 -1.78 -16.45 7.90
N THR B 69 -0.49 -16.82 7.87
CA THR B 69 0.06 -17.74 8.85
C THR B 69 1.40 -17.22 9.30
N VAL B 70 1.68 -17.29 10.58
CA VAL B 70 3.00 -16.89 11.09
C VAL B 70 3.71 -18.15 11.56
N SER B 71 5.04 -18.24 11.36
CA SER B 71 5.88 -19.35 11.79
C SER B 71 7.17 -18.76 12.34
N ARG B 72 7.88 -19.55 13.12
CA ARG B 72 9.20 -19.13 13.58
C ARG B 72 10.16 -20.28 13.46
N ASP B 73 11.44 -19.94 13.38
CA ASP B 73 12.56 -20.90 13.32
C ASP B 73 13.60 -20.44 14.38
N ASP B 74 13.58 -21.07 15.58
CA ASP B 74 14.43 -20.60 16.69
C ASP B 74 15.89 -21.00 16.53
N LEU B 75 16.20 -22.01 15.69
CA LEU B 75 17.59 -22.53 15.60
C LEU B 75 18.47 -21.61 14.77
N GLU B 76 17.91 -21.01 13.73
CA GLU B 76 18.59 -20.02 12.90
C GLU B 76 17.94 -18.63 12.96
N ASP B 77 16.96 -18.39 13.83
CA ASP B 77 16.45 -17.05 14.13
C ASP B 77 15.77 -16.39 12.91
N PHE B 78 14.66 -17.01 12.46
CA PHE B 78 13.83 -16.40 11.45
C PHE B 78 12.38 -16.41 11.91
N VAL B 79 11.61 -15.45 11.40
CA VAL B 79 10.15 -15.46 11.54
C VAL B 79 9.62 -15.35 10.14
N TYR B 80 8.48 -15.95 9.91
CA TYR B 80 7.85 -15.98 8.59
C TYR B 80 6.44 -15.43 8.70
N LEU B 81 5.96 -14.85 7.61
CA LEU B 81 4.55 -14.55 7.48
C LEU B 81 4.07 -14.91 6.07
N GLN B 82 3.17 -15.91 5.96
CA GLN B 82 2.57 -16.26 4.66
C GLN B 82 1.30 -15.44 4.49
N MET B 83 1.14 -14.78 3.35
CA MET B 83 -0.09 -14.04 3.07
C MET B 83 -0.75 -14.63 1.80
N HIS B 84 -1.98 -15.13 1.94
CA HIS B 84 -2.77 -15.70 0.84
C HIS B 84 -4.02 -14.85 0.57
N LYS B 85 -4.64 -15.09 -0.58
CA LYS B 85 -5.88 -14.43 -0.97
C LYS B 85 -5.81 -12.95 -0.62
N MET B 86 -4.71 -12.30 -1.01
CA MET B 86 -4.44 -10.94 -0.57
C MET B 86 -5.44 -9.95 -1.19
N ARG B 87 -5.70 -8.89 -0.43
CA ARG B 87 -6.72 -7.89 -0.74
C ARG B 87 -6.07 -6.50 -0.79
N VAL B 88 -6.73 -5.57 -1.49
CA VAL B 88 -6.19 -4.23 -1.61
C VAL B 88 -5.93 -3.63 -0.24
N GLU B 89 -6.78 -3.92 0.76
CA GLU B 89 -6.52 -3.31 2.08
C GLU B 89 -5.30 -3.92 2.82
N ASP B 90 -4.72 -5.01 2.32
CA ASP B 90 -3.44 -5.51 2.88
C ASP B 90 -2.25 -4.63 2.47
N THR B 91 -2.47 -3.64 1.58
CA THR B 91 -1.38 -2.80 1.10
C THR B 91 -0.80 -2.02 2.26
N ALA B 92 0.52 -2.15 2.48
CA ALA B 92 1.14 -1.49 3.63
C ALA B 92 2.61 -1.73 3.65
N ILE B 93 3.28 -1.12 4.65
CA ILE B 93 4.63 -1.47 5.03
C ILE B 93 4.54 -2.45 6.19
N TYR B 94 5.19 -3.60 6.04
CA TYR B 94 5.15 -4.68 7.01
C TYR B 94 6.41 -4.65 7.83
N TYR B 95 6.25 -4.64 9.17
CA TYR B 95 7.41 -4.73 10.07
C TYR B 95 7.40 -6.00 10.90
N CYS B 96 8.57 -6.56 11.16
CA CYS B 96 8.69 -7.54 12.23
CA CYS B 96 8.74 -7.55 12.22
C CYS B 96 9.13 -6.85 13.51
N ALA B 97 8.54 -7.26 14.65
CA ALA B 97 8.80 -6.51 15.90
C ALA B 97 8.93 -7.47 17.06
N ARG B 98 9.97 -7.28 17.85
CA ARG B 98 10.19 -8.14 19.00
C ARG B 98 9.36 -7.65 20.21
N LYS B 99 8.80 -8.59 20.97
CA LYS B 99 8.17 -8.20 22.23
C LYS B 99 9.20 -8.45 23.32
N GLY B 100 9.48 -7.42 24.13
CA GLY B 100 10.48 -7.62 25.18
C GLY B 100 10.75 -6.33 25.96
N SER B 101 11.56 -6.47 27.00
CA SER B 101 12.04 -5.29 27.72
C SER B 101 13.36 -5.69 28.38
N ASP B 102 13.90 -4.78 29.20
CA ASP B 102 15.20 -5.01 29.82
C ASP B 102 15.20 -6.28 30.64
N ARG B 103 14.11 -6.55 31.37
CA ARG B 103 13.91 -7.82 32.07
C ARG B 103 12.58 -8.40 31.61
N LEU B 104 12.58 -9.63 31.03
CA LEU B 104 11.32 -10.10 30.45
C LEU B 104 10.24 -10.28 31.53
N SER B 105 9.00 -9.98 31.16
CA SER B 105 7.83 -10.28 31.98
C SER B 105 6.75 -10.91 31.12
N ASP B 106 5.69 -11.37 31.79
CA ASP B 106 4.39 -11.76 31.28
CA ASP B 106 4.62 -11.94 30.98
C ASP B 106 3.90 -10.94 30.08
N ASN B 107 4.18 -9.62 30.10
CA ASN B 107 3.52 -8.76 29.12
C ASN B 107 4.38 -7.51 28.88
N ASP B 108 5.19 -7.53 27.80
CA ASP B 108 6.06 -6.39 27.49
C ASP B 108 5.63 -5.66 26.22
N PRO B 109 6.12 -4.41 26.03
CA PRO B 109 5.84 -3.68 24.79
C PRO B 109 6.73 -4.23 23.67
N PHE B 110 6.62 -3.60 22.47
CA PHE B 110 7.45 -3.95 21.32
C PHE B 110 8.73 -3.10 21.33
N ASP B 111 9.85 -3.67 21.79
CA ASP B 111 11.05 -2.86 22.02
C ASP B 111 12.04 -2.86 20.87
N ALA B 112 11.87 -3.65 19.81
CA ALA B 112 12.81 -3.60 18.68
C ALA B 112 12.05 -3.90 17.41
N TRP B 113 12.32 -3.13 16.32
CA TRP B 113 11.52 -3.19 15.11
C TRP B 113 12.46 -3.24 13.91
N GLY B 114 12.05 -4.00 12.89
CA GLY B 114 12.73 -3.96 11.60
C GLY B 114 12.36 -2.69 10.85
N PRO B 115 13.10 -2.39 9.78
CA PRO B 115 12.84 -1.14 9.05
C PRO B 115 11.61 -1.18 8.18
N GLY B 116 11.12 -2.37 7.89
CA GLY B 116 9.87 -2.53 7.16
C GLY B 116 10.11 -2.97 5.71
N THR B 117 9.13 -3.69 5.16
CA THR B 117 9.21 -4.04 3.74
C THR B 117 7.89 -3.67 3.08
N VAL B 118 7.95 -3.04 1.88
CA VAL B 118 6.75 -2.54 1.21
C VAL B 118 6.03 -3.66 0.47
N VAL B 119 4.71 -3.77 0.70
CA VAL B 119 3.84 -4.77 0.07
C VAL B 119 2.69 -4.02 -0.59
N THR B 120 2.51 -4.18 -1.88
CA THR B 120 1.48 -3.47 -2.64
C THR B 120 0.63 -4.48 -3.34
N VAL B 121 -0.69 -4.37 -3.15
CA VAL B 121 -1.66 -5.32 -3.71
C VAL B 121 -2.52 -4.53 -4.71
N SER B 122 -2.41 -4.88 -5.98
CA SER B 122 -3.18 -4.04 -6.87
C SER B 122 -4.58 -4.61 -7.05
N PRO B 123 -5.55 -3.75 -7.36
CA PRO B 123 -6.95 -4.18 -7.31
C PRO B 123 -7.36 -5.12 -8.42
N ALA B 124 -6.67 -5.11 -9.56
CA ALA B 124 -7.02 -5.96 -10.69
C ALA B 124 -6.43 -7.34 -10.48
N SER B 125 -7.26 -8.33 -10.20
CA SER B 125 -6.81 -9.72 -10.17
C SER B 125 -6.92 -10.44 -11.51
N THR B 126 -7.50 -9.81 -12.53
CA THR B 126 -7.64 -10.36 -13.88
C THR B 126 -7.51 -9.23 -14.88
N LYS B 127 -7.17 -9.62 -16.12
CA LYS B 127 -6.99 -8.69 -17.23
C LYS B 127 -7.23 -9.46 -18.53
N GLY B 128 -8.21 -9.01 -19.32
CA GLY B 128 -8.49 -9.59 -20.60
C GLY B 128 -7.38 -9.35 -21.61
N PRO B 129 -7.26 -10.23 -22.61
CA PRO B 129 -6.17 -10.08 -23.58
C PRO B 129 -6.50 -9.04 -24.64
N SER B 130 -5.44 -8.55 -25.29
CA SER B 130 -5.51 -7.86 -26.57
C SER B 130 -5.25 -8.88 -27.67
N VAL B 131 -5.96 -8.77 -28.79
CA VAL B 131 -5.84 -9.74 -29.89
C VAL B 131 -5.42 -9.01 -31.16
N PHE B 132 -4.28 -9.42 -31.73
CA PHE B 132 -3.68 -8.89 -32.94
C PHE B 132 -3.58 -9.98 -34.00
N PRO B 133 -3.81 -9.64 -35.26
CA PRO B 133 -3.74 -10.65 -36.32
C PRO B 133 -2.32 -10.95 -36.78
N LEU B 134 -2.08 -12.20 -37.15
CA LEU B 134 -0.86 -12.60 -37.85
C LEU B 134 -1.28 -12.85 -39.29
N ALA B 135 -0.93 -11.92 -40.17
CA ALA B 135 -1.57 -11.81 -41.49
C ALA B 135 -0.87 -12.70 -42.53
N PRO B 136 -1.59 -13.37 -43.45
CA PRO B 136 -0.94 -14.35 -44.33
C PRO B 136 -0.09 -13.77 -45.47
N GLY B 143 -2.30 -20.20 -54.87
CA GLY B 143 -2.24 -21.58 -55.33
C GLY B 143 -1.17 -22.41 -54.65
N GLY B 144 -1.34 -22.62 -53.34
CA GLY B 144 -0.42 -23.35 -52.48
C GLY B 144 -0.87 -23.34 -51.02
N THR B 145 0.10 -23.29 -50.09
CA THR B 145 -0.13 -23.48 -48.66
C THR B 145 0.31 -22.23 -47.88
N ALA B 146 -0.60 -21.68 -47.04
CA ALA B 146 -0.42 -20.39 -46.37
C ALA B 146 -0.79 -20.46 -44.89
N ALA B 147 -0.11 -19.63 -44.09
CA ALA B 147 -0.31 -19.58 -42.64
C ALA B 147 -0.87 -18.23 -42.21
N LEU B 148 -1.72 -18.25 -41.20
CA LEU B 148 -2.16 -17.02 -40.59
C LEU B 148 -2.53 -17.29 -39.15
N GLY B 149 -2.69 -16.24 -38.36
CA GLY B 149 -3.11 -16.47 -36.99
C GLY B 149 -3.37 -15.21 -36.20
N CYS B 150 -3.51 -15.42 -34.89
CA CYS B 150 -3.85 -14.37 -33.93
C CYS B 150 -2.85 -14.41 -32.78
N LEU B 151 -2.34 -13.26 -32.42
CA LEU B 151 -1.44 -13.11 -31.30
C LEU B 151 -2.26 -12.64 -30.10
N VAL B 152 -2.26 -13.43 -29.01
CA VAL B 152 -3.10 -13.15 -27.83
C VAL B 152 -2.17 -12.67 -26.71
N LYS B 153 -2.11 -11.34 -26.52
CA LYS B 153 -1.09 -10.68 -25.72
C LYS B 153 -1.64 -10.06 -24.43
N ASP B 154 -0.87 -10.19 -23.34
CA ASP B 154 -1.09 -9.43 -22.09
C ASP B 154 -2.44 -9.77 -21.43
N TYR B 155 -2.57 -11.02 -21.01
CA TYR B 155 -3.73 -11.35 -20.19
C TYR B 155 -3.24 -11.94 -18.88
N PHE B 156 -4.17 -12.08 -17.93
CA PHE B 156 -3.88 -12.64 -16.62
C PHE B 156 -5.18 -13.04 -15.92
N PRO B 157 -5.24 -14.18 -15.22
CA PRO B 157 -4.24 -15.25 -15.18
C PRO B 157 -4.54 -16.17 -16.37
N GLU B 158 -3.96 -17.36 -16.41
CA GLU B 158 -4.34 -18.34 -17.43
C GLU B 158 -5.68 -19.01 -17.07
N PRO B 159 -6.35 -19.64 -18.05
CA PRO B 159 -6.01 -19.73 -19.47
C PRO B 159 -6.97 -18.93 -20.38
N VAL B 160 -6.53 -18.79 -21.63
CA VAL B 160 -7.36 -18.32 -22.72
C VAL B 160 -7.75 -19.56 -23.51
N THR B 161 -8.81 -19.44 -24.28
CA THR B 161 -9.22 -20.41 -25.27
C THR B 161 -9.35 -19.72 -26.63
N VAL B 162 -8.87 -20.40 -27.68
CA VAL B 162 -9.02 -19.91 -29.04
C VAL B 162 -9.65 -21.00 -29.88
N SER B 163 -10.66 -20.63 -30.66
CA SER B 163 -11.12 -21.42 -31.79
C SER B 163 -11.08 -20.52 -33.02
N TRP B 164 -11.40 -21.10 -34.17
CA TRP B 164 -11.45 -20.41 -35.46
C TRP B 164 -12.81 -20.68 -36.09
N ASN B 165 -13.43 -19.63 -36.63
CA ASN B 165 -14.73 -19.75 -37.31
C ASN B 165 -15.76 -20.39 -36.39
N SER B 166 -15.79 -19.91 -35.13
CA SER B 166 -16.68 -20.44 -34.09
C SER B 166 -16.71 -21.96 -34.04
N GLY B 167 -15.54 -22.59 -34.13
CA GLY B 167 -15.44 -24.03 -34.05
C GLY B 167 -15.55 -24.76 -35.37
N ALA B 168 -15.64 -24.03 -36.49
CA ALA B 168 -15.81 -24.65 -37.79
C ALA B 168 -14.49 -25.07 -38.45
N LEU B 169 -13.37 -24.49 -38.00
CA LEU B 169 -12.04 -24.75 -38.56
C LEU B 169 -11.15 -25.34 -37.48
N THR B 170 -10.78 -26.62 -37.63
CA THR B 170 -9.97 -27.35 -36.64
C THR B 170 -8.77 -28.09 -37.22
N SER B 171 -8.74 -28.37 -38.52
CA SER B 171 -7.59 -29.02 -39.12
C SER B 171 -6.47 -28.00 -39.32
N GLY B 172 -5.27 -28.33 -38.87
CA GLY B 172 -4.13 -27.45 -38.97
C GLY B 172 -4.04 -26.35 -37.92
N VAL B 173 -4.91 -26.35 -36.91
CA VAL B 173 -4.83 -25.33 -35.88
C VAL B 173 -3.76 -25.72 -34.87
N HIS B 174 -2.80 -24.82 -34.64
CA HIS B 174 -1.83 -24.99 -33.56
C HIS B 174 -1.96 -23.77 -32.66
N THR B 175 -2.32 -23.99 -31.39
CA THR B 175 -2.35 -22.98 -30.34
C THR B 175 -1.23 -23.32 -29.36
N PHE B 176 -0.27 -22.48 -29.28
CA PHE B 176 0.93 -22.76 -28.53
C PHE B 176 0.71 -22.55 -27.03
N PRO B 177 1.50 -23.24 -26.20
CA PRO B 177 1.51 -22.94 -24.76
C PRO B 177 1.84 -21.48 -24.51
N ALA B 178 1.16 -20.90 -23.54
CA ALA B 178 1.37 -19.51 -23.18
C ALA B 178 2.80 -19.32 -22.69
N VAL B 179 3.32 -18.10 -22.86
CA VAL B 179 4.63 -17.73 -22.36
C VAL B 179 4.43 -16.62 -21.33
N LEU B 180 5.22 -16.65 -20.27
CA LEU B 180 5.13 -15.62 -19.23
C LEU B 180 6.08 -14.49 -19.61
N GLN B 181 5.53 -13.29 -19.84
CA GLN B 181 6.39 -12.17 -20.22
C GLN B 181 7.00 -11.50 -18.97
N SER B 182 8.12 -10.77 -19.18
CA SER B 182 8.76 -10.11 -18.06
C SER B 182 7.81 -9.13 -17.35
N SER B 183 6.70 -8.73 -17.98
CA SER B 183 5.74 -7.83 -17.36
C SER B 183 4.74 -8.54 -16.43
N GLY B 184 4.88 -9.84 -16.21
CA GLY B 184 3.87 -10.57 -15.44
C GLY B 184 2.59 -10.94 -16.16
N LEU B 185 2.49 -10.62 -17.47
CA LEU B 185 1.31 -10.97 -18.25
C LEU B 185 1.64 -12.04 -19.29
N TYR B 186 0.65 -12.88 -19.59
CA TYR B 186 0.84 -13.99 -20.50
C TYR B 186 0.60 -13.59 -21.95
N SER B 187 1.31 -14.29 -22.87
CA SER B 187 1.17 -14.20 -24.33
C SER B 187 1.08 -15.59 -24.97
N LEU B 188 0.23 -15.74 -25.99
CA LEU B 188 0.28 -16.94 -26.81
C LEU B 188 -0.15 -16.59 -28.21
N SER B 189 0.19 -17.46 -29.15
CA SER B 189 -0.26 -17.31 -30.53
C SER B 189 -1.01 -18.57 -30.92
N SER B 190 -1.97 -18.42 -31.84
CA SER B 190 -2.68 -19.55 -32.46
C SER B 190 -2.62 -19.33 -33.96
N VAL B 191 -2.21 -20.36 -34.68
CA VAL B 191 -2.03 -20.28 -36.12
C VAL B 191 -2.74 -21.46 -36.77
N VAL B 192 -2.99 -21.31 -38.08
CA VAL B 192 -3.60 -22.36 -38.87
C VAL B 192 -3.10 -22.23 -40.30
N THR B 193 -2.85 -23.36 -40.94
CA THR B 193 -2.45 -23.37 -42.34
C THR B 193 -3.66 -23.70 -43.19
N VAL B 194 -3.84 -22.91 -44.25
CA VAL B 194 -5.04 -22.90 -45.07
C VAL B 194 -4.62 -22.79 -46.52
N PRO B 195 -5.49 -23.23 -47.45
CA PRO B 195 -5.16 -23.15 -48.88
C PRO B 195 -4.97 -21.71 -49.29
N SER B 196 -3.95 -21.48 -50.12
CA SER B 196 -3.69 -20.14 -50.62
C SER B 196 -4.88 -19.55 -51.39
N SER B 197 -5.72 -20.38 -51.99
CA SER B 197 -6.85 -19.86 -52.74
C SER B 197 -7.96 -19.33 -51.80
N GLN B 202 -12.51 -16.65 -48.88
CA GLN B 202 -12.80 -17.26 -47.58
C GLN B 202 -12.25 -16.38 -46.45
N THR B 203 -13.01 -16.25 -45.37
CA THR B 203 -12.66 -15.34 -44.27
C THR B 203 -12.51 -16.09 -42.94
N TYR B 204 -11.48 -15.70 -42.19
CA TYR B 204 -11.01 -16.43 -41.01
C TYR B 204 -11.13 -15.55 -39.78
N ILE B 205 -11.73 -16.09 -38.73
CA ILE B 205 -11.93 -15.32 -37.51
C ILE B 205 -11.56 -16.20 -36.32
N CYS B 206 -10.72 -15.66 -35.44
CA CYS B 206 -10.27 -16.39 -34.27
C CYS B 206 -11.06 -15.89 -33.07
N ASN B 207 -11.56 -16.81 -32.28
CA ASN B 207 -12.46 -16.47 -31.18
C ASN B 207 -11.68 -16.68 -29.89
N VAL B 208 -11.24 -15.57 -29.31
CA VAL B 208 -10.49 -15.61 -28.07
C VAL B 208 -11.47 -15.50 -26.90
N ASN B 209 -11.43 -16.50 -26.02
CA ASN B 209 -12.22 -16.58 -24.81
C ASN B 209 -11.27 -16.47 -23.62
N HIS B 210 -11.55 -15.56 -22.70
CA HIS B 210 -10.74 -15.43 -21.47
C HIS B 210 -11.73 -15.52 -20.31
N LYS B 211 -11.91 -16.72 -19.77
CA LYS B 211 -12.90 -16.90 -18.72
C LYS B 211 -12.60 -16.06 -17.47
N PRO B 212 -11.37 -15.99 -16.95
CA PRO B 212 -11.13 -15.24 -15.69
C PRO B 212 -11.62 -13.80 -15.70
N SER B 213 -11.62 -13.13 -16.86
CA SER B 213 -12.03 -11.73 -16.98
C SER B 213 -13.35 -11.57 -17.72
N ASN B 214 -14.12 -12.66 -17.88
CA ASN B 214 -15.37 -12.67 -18.66
C ASN B 214 -15.23 -11.84 -19.94
N THR B 215 -14.12 -12.04 -20.65
CA THR B 215 -13.87 -11.38 -21.93
C THR B 215 -13.96 -12.43 -23.03
N LYS B 216 -14.47 -11.98 -24.19
CA LYS B 216 -14.62 -12.79 -25.40
C LYS B 216 -14.40 -11.86 -26.57
N VAL B 217 -13.39 -12.15 -27.37
CA VAL B 217 -13.02 -11.29 -28.48
C VAL B 217 -13.13 -12.10 -29.76
N ASP B 218 -13.46 -11.39 -30.84
CA ASP B 218 -13.52 -11.94 -32.19
C ASP B 218 -12.69 -11.03 -33.08
N LYS B 219 -11.77 -11.63 -33.84
CA LYS B 219 -10.89 -10.84 -34.69
C LYS B 219 -10.78 -11.54 -36.03
N LYS B 220 -10.98 -10.78 -37.11
CA LYS B 220 -10.89 -11.29 -38.47
C LYS B 220 -9.48 -11.11 -38.97
N VAL B 221 -8.87 -12.18 -39.48
CA VAL B 221 -7.49 -12.15 -39.98
C VAL B 221 -7.54 -12.16 -41.50
N GLU B 222 -6.94 -11.16 -42.13
CA GLU B 222 -6.97 -11.07 -43.58
C GLU B 222 -5.75 -10.30 -44.05
N PRO B 223 -5.37 -10.44 -45.33
CA PRO B 223 -4.18 -9.75 -45.90
C PRO B 223 -4.37 -8.24 -46.08
#